data_7AAY
#
_entry.id   7AAY
#
_cell.length_a   93.119
_cell.length_b   130.983
_cell.length_c   54.192
_cell.angle_alpha   90.000
_cell.angle_beta   90.000
_cell.angle_gamma   90.000
#
_symmetry.space_group_name_H-M   'C 2 2 21'
#
loop_
_entity.id
_entity.type
_entity.pdbx_description
1 polymer 'Tyrosine-protein kinase Mer'
2 non-polymer N-(3-fluoro-4-{[1-methyl-6-(1H-pyrazol-4-yl)-1H-indazol-5-yl]oxy}phenyl)-1-(4-fluorophenyl)-6-methyl-2-oxo-1,2-dihydropyridine-3-carboxamide
3 non-polymer 'CHLORIDE ION'
4 water water
#
_entity_poly.entity_id   1
_entity_poly.type   'polypeptide(L)'
_entity_poly.pdbx_seq_one_letter_code
;GSHMEELQNKLEDVVIDRNLLILGKILGEGEFGSVMEGNLKQEDGTSLKVAVKTMKLDNSSQREIEEFLSEAACMKDFSH
PNVIRLLGVCIEGIPKPMVILPFMKYGDLHTYLLYSRLETGPKHIPLQTLLKFMVDIALGMEYLSNRNFLHRDLAARNCM
LRDDMTVCVADFGLSKKIYSGDYYRQGRIAKMPVKWIAIESLADRVYTSKSDVWAFGVTMWEIATRGMTPYPGVQNHEMY
DYLLHGHRLKQPEDCLDELYEIMYSCWRTDPLDRPTFSVLRLQLEKLLESLPDV
;
_entity_poly.pdbx_strand_id   A
#
# COMPACT_ATOMS: atom_id res chain seq x y z
N SER A 2 4.15 3.47 -27.13
CA SER A 2 3.42 4.77 -27.28
C SER A 2 1.89 4.57 -27.35
N HIS A 3 1.21 4.79 -26.23
CA HIS A 3 -0.24 4.60 -26.12
C HIS A 3 -0.98 5.85 -25.61
N MET A 4 -0.45 7.04 -25.92
CA MET A 4 -0.97 8.32 -25.39
C MET A 4 -2.43 8.60 -25.77
N GLU A 5 -2.86 8.15 -26.96
CA GLU A 5 -4.26 8.28 -27.39
C GLU A 5 -5.17 7.31 -26.64
N GLU A 6 -4.74 6.05 -26.51
CA GLU A 6 -5.47 5.05 -25.71
C GLU A 6 -5.64 5.52 -24.26
N LEU A 7 -4.56 6.03 -23.67
CA LEU A 7 -4.57 6.50 -22.28
C LEU A 7 -5.50 7.67 -22.03
N GLN A 8 -5.52 8.64 -22.95
CA GLN A 8 -6.39 9.81 -22.83
C GLN A 8 -7.89 9.43 -22.94
N ASN A 9 -8.20 8.43 -23.77
CA ASN A 9 -9.57 7.90 -23.87
C ASN A 9 -10.01 7.11 -22.64
N LYS A 10 -9.07 6.33 -22.10
CA LYS A 10 -9.26 5.56 -20.86
C LYS A 10 -9.55 6.46 -19.64
N LEU A 11 -8.87 7.62 -19.56
CA LEU A 11 -9.00 8.56 -18.44
C LEU A 11 -9.98 9.74 -18.67
N GLU A 12 -10.78 9.69 -19.73
CA GLU A 12 -11.61 10.85 -20.13
C GLU A 12 -12.60 11.22 -19.04
N ASP A 13 -13.44 10.27 -18.66
CA ASP A 13 -14.51 10.49 -17.68
C ASP A 13 -14.07 10.78 -16.22
N VAL A 14 -12.76 10.75 -15.93
CA VAL A 14 -12.21 11.19 -14.63
C VAL A 14 -11.24 12.37 -14.78
N VAL A 15 -11.28 13.05 -15.92
CA VAL A 15 -10.58 14.32 -16.09
C VAL A 15 -11.27 15.38 -15.21
N ILE A 16 -10.49 16.32 -14.67
CA ILE A 16 -11.01 17.39 -13.83
C ILE A 16 -10.46 18.71 -14.35
N ASP A 17 -11.28 19.76 -14.29
CA ASP A 17 -10.85 21.11 -14.64
C ASP A 17 -9.78 21.59 -13.66
N ARG A 18 -8.64 21.98 -14.19
CA ARG A 18 -7.49 22.45 -13.41
C ARG A 18 -7.84 23.53 -12.38
N ASN A 19 -8.74 24.44 -12.74
CA ASN A 19 -9.11 25.57 -11.88
C ASN A 19 -10.03 25.22 -10.72
N LEU A 20 -10.59 24.01 -10.71
CA LEU A 20 -11.26 23.47 -9.52
C LEU A 20 -10.26 23.14 -8.39
N LEU A 21 -9.01 22.90 -8.77
CA LEU A 21 -7.95 22.48 -7.84
C LEU A 21 -7.07 23.65 -7.45
N ILE A 22 -6.88 23.83 -6.13
CA ILE A 22 -5.95 24.80 -5.58
C ILE A 22 -4.85 23.99 -4.87
N LEU A 23 -3.60 24.19 -5.28
CA LEU A 23 -2.48 23.49 -4.64
C LEU A 23 -2.04 24.20 -3.39
N GLY A 24 -1.42 23.44 -2.49
CA GLY A 24 -0.92 23.94 -1.21
C GLY A 24 0.51 23.49 -1.02
N LYS A 25 0.87 23.13 0.21
CA LYS A 25 2.26 22.79 0.56
C LYS A 25 2.73 21.40 0.05
N ILE A 26 4.04 21.24 0.06
CA ILE A 26 4.67 19.98 -0.33
C ILE A 26 4.53 18.95 0.80
N LEU A 27 4.06 17.75 0.45
CA LEU A 27 3.97 16.62 1.37
C LEU A 27 5.23 15.78 1.31
N GLY A 28 5.79 15.62 0.11
CA GLY A 28 7.06 14.91 -0.07
C GLY A 28 7.31 14.63 -1.53
N GLU A 29 8.34 13.83 -1.82
CA GLU A 29 8.66 13.44 -3.19
C GLU A 29 8.13 12.04 -3.51
N GLY A 30 7.63 11.86 -4.73
CA GLY A 30 7.19 10.57 -5.26
C GLY A 30 8.00 10.16 -6.47
N GLU A 31 7.53 9.12 -7.16
CA GLU A 31 8.23 8.56 -8.32
C GLU A 31 8.60 9.62 -9.35
N PHE A 32 7.62 10.45 -9.72
CA PHE A 32 7.76 11.40 -10.83
C PHE A 32 7.94 12.87 -10.40
N GLY A 33 8.03 13.13 -9.09
CA GLY A 33 8.18 14.50 -8.59
C GLY A 33 7.48 14.74 -7.28
N SER A 34 7.30 16.01 -6.93
CA SER A 34 6.74 16.40 -5.64
C SER A 34 5.27 15.99 -5.48
N VAL A 35 4.88 15.68 -4.26
CA VAL A 35 3.48 15.41 -3.94
C VAL A 35 3.02 16.57 -3.07
N MET A 36 2.01 17.29 -3.56
CA MET A 36 1.47 18.49 -2.90
C MET A 36 0.16 18.15 -2.21
N GLU A 37 -0.14 18.79 -1.09
CA GLU A 37 -1.52 18.81 -0.62
C GLU A 37 -2.32 19.88 -1.39
N GLY A 38 -3.64 19.78 -1.35
CA GLY A 38 -4.49 20.64 -2.16
C GLY A 38 -5.92 20.60 -1.70
N ASN A 39 -6.74 21.43 -2.35
CA ASN A 39 -8.17 21.44 -2.13
C ASN A 39 -8.84 21.36 -3.50
N LEU A 40 -9.90 20.57 -3.60
CA LEU A 40 -10.58 20.33 -4.86
C LEU A 40 -12.05 20.60 -4.66
N LYS A 41 -12.57 21.59 -5.38
CA LYS A 41 -14.00 21.88 -5.35
C LYS A 41 -14.72 20.83 -6.20
N GLN A 42 -15.70 20.17 -5.59
CA GLN A 42 -16.37 19.00 -6.16
C GLN A 42 -17.59 19.38 -7.00
N GLU A 43 -18.12 18.42 -7.76
CA GLU A 43 -19.25 18.63 -8.68
C GLU A 43 -20.53 19.10 -7.95
N ASP A 44 -20.85 18.47 -6.84
CA ASP A 44 -22.00 18.89 -6.01
C ASP A 44 -21.81 20.24 -5.28
N GLY A 45 -20.57 20.74 -5.20
CA GLY A 45 -20.27 22.08 -4.63
C GLY A 45 -19.41 22.07 -3.38
N THR A 46 -19.20 20.90 -2.78
CA THR A 46 -18.38 20.74 -1.57
C THR A 46 -16.87 20.90 -1.84
N SER A 47 -16.08 20.91 -0.77
CA SER A 47 -14.62 20.91 -0.85
C SER A 47 -14.04 19.60 -0.30
N LEU A 48 -12.85 19.25 -0.80
CA LEU A 48 -12.17 18.01 -0.43
C LEU A 48 -10.68 18.27 -0.30
N LYS A 49 -10.08 17.91 0.83
CA LYS A 49 -8.63 17.94 0.99
C LYS A 49 -8.03 16.75 0.25
N VAL A 50 -7.02 17.01 -0.59
CA VAL A 50 -6.45 16.02 -1.50
C VAL A 50 -4.95 16.03 -1.46
N ALA A 51 -4.36 14.96 -2.01
CA ALA A 51 -2.93 14.90 -2.31
C ALA A 51 -2.82 14.91 -3.83
N VAL A 52 -1.86 15.68 -4.33
CA VAL A 52 -1.70 15.88 -5.77
C VAL A 52 -0.33 15.45 -6.21
N LYS A 53 -0.32 14.41 -7.04
CA LYS A 53 0.90 13.81 -7.55
C LYS A 53 1.24 14.58 -8.82
N THR A 54 2.44 15.16 -8.88
CA THR A 54 2.92 15.94 -10.03
C THR A 54 4.16 15.37 -10.66
N MET A 55 4.45 15.84 -11.88
CA MET A 55 5.68 15.52 -12.61
C MET A 55 6.70 16.65 -12.51
N LYS A 56 7.98 16.29 -12.36
CA LYS A 56 9.10 17.25 -12.34
C LYS A 56 9.02 18.27 -13.47
N LEU A 57 9.49 19.49 -13.18
CA LEU A 57 9.52 20.59 -14.15
C LEU A 57 10.41 20.36 -15.39
N ASP A 58 11.41 19.47 -15.28
CA ASP A 58 12.25 19.11 -16.44
C ASP A 58 11.40 18.56 -17.61
N ASN A 59 11.97 18.55 -18.81
CA ASN A 59 11.29 17.90 -19.95
C ASN A 59 11.33 16.36 -19.82
N SER A 60 10.47 15.85 -18.93
CA SER A 60 10.32 14.41 -18.74
C SER A 60 9.67 13.84 -20.00
N SER A 61 10.21 12.72 -20.48
CA SER A 61 9.89 12.20 -21.81
C SER A 61 8.42 11.85 -22.00
N GLN A 62 8.06 11.58 -23.24
CA GLN A 62 6.74 11.07 -23.57
C GLN A 62 6.49 9.71 -22.91
N ARG A 63 7.55 8.94 -22.67
CA ARG A 63 7.46 7.68 -21.94
C ARG A 63 7.15 7.86 -20.45
N GLU A 64 7.82 8.81 -19.80
CA GLU A 64 7.55 9.14 -18.39
C GLU A 64 6.11 9.61 -18.22
N ILE A 65 5.67 10.49 -19.11
CA ILE A 65 4.29 11.00 -19.11
C ILE A 65 3.31 9.84 -19.28
N GLU A 66 3.59 8.94 -20.21
CA GLU A 66 2.71 7.79 -20.46
C GLU A 66 2.75 6.75 -19.33
N GLU A 67 3.89 6.62 -18.66
CA GLU A 67 4.04 5.75 -17.49
C GLU A 67 3.25 6.31 -16.30
N PHE A 68 3.35 7.62 -16.12
CA PHE A 68 2.60 8.37 -15.11
C PHE A 68 1.10 8.16 -15.26
N LEU A 69 0.59 8.33 -16.47
CA LEU A 69 -0.83 8.17 -16.75
C LEU A 69 -1.31 6.72 -16.75
N SER A 70 -0.43 5.77 -17.05
CA SER A 70 -0.74 4.33 -16.93
C SER A 70 -1.11 3.97 -15.51
N GLU A 71 -0.28 4.41 -14.56
CA GLU A 71 -0.54 4.17 -13.14
C GLU A 71 -1.91 4.65 -12.69
N ALA A 72 -2.31 5.83 -13.17
CA ALA A 72 -3.62 6.39 -12.87
C ALA A 72 -4.71 5.54 -13.49
N ALA A 73 -4.51 5.19 -14.77
CA ALA A 73 -5.46 4.31 -15.48
C ALA A 73 -5.56 2.94 -14.80
N CYS A 74 -4.44 2.45 -14.27
CA CYS A 74 -4.45 1.21 -13.50
C CYS A 74 -5.32 1.28 -12.23
N MET A 75 -5.24 2.39 -11.51
CA MET A 75 -6.07 2.66 -10.32
C MET A 75 -7.54 2.94 -10.56
N LYS A 76 -7.89 3.32 -11.79
CA LYS A 76 -9.10 4.10 -12.05
C LYS A 76 -10.37 3.48 -11.48
N ASP A 77 -10.54 2.17 -11.66
CA ASP A 77 -11.76 1.46 -11.23
C ASP A 77 -11.70 0.80 -9.83
N PHE A 78 -10.59 0.99 -9.10
CA PHE A 78 -10.50 0.55 -7.70
C PHE A 78 -11.49 1.33 -6.86
N SER A 79 -12.50 0.64 -6.35
CA SER A 79 -13.47 1.23 -5.46
C SER A 79 -13.65 0.32 -4.26
N HIS A 80 -12.90 0.59 -3.20
CA HIS A 80 -12.97 -0.20 -1.97
C HIS A 80 -12.39 0.63 -0.80
N PRO A 81 -13.02 0.55 0.40
CA PRO A 81 -12.58 1.44 1.49
C PRO A 81 -11.17 1.25 2.05
N ASN A 82 -10.54 0.12 1.75
CA ASN A 82 -9.17 -0.18 2.14
C ASN A 82 -8.21 -0.21 0.97
N VAL A 83 -8.57 0.44 -0.12
CA VAL A 83 -7.72 0.63 -1.28
C VAL A 83 -7.76 2.11 -1.63
N ILE A 84 -6.59 2.69 -1.83
CA ILE A 84 -6.52 4.10 -2.30
C ILE A 84 -7.34 4.29 -3.60
N ARG A 85 -8.04 5.40 -3.73
CA ARG A 85 -8.84 5.68 -4.93
C ARG A 85 -8.33 6.87 -5.74
N LEU A 86 -8.50 6.80 -7.05
CA LEU A 86 -8.20 7.91 -7.95
C LEU A 86 -9.36 8.90 -7.86
N LEU A 87 -9.09 10.14 -7.43
CA LEU A 87 -10.12 11.20 -7.47
C LEU A 87 -10.25 11.84 -8.87
N GLY A 88 -9.13 12.00 -9.55
CA GLY A 88 -9.14 12.31 -10.98
C GLY A 88 -7.77 12.71 -11.48
N VAL A 89 -7.74 13.22 -12.70
CA VAL A 89 -6.49 13.67 -13.33
C VAL A 89 -6.67 15.01 -14.03
N CYS A 90 -5.61 15.80 -14.03
CA CYS A 90 -5.56 17.04 -14.80
C CYS A 90 -4.61 16.89 -15.97
N ILE A 91 -5.19 16.88 -17.18
CA ILE A 91 -4.45 16.83 -18.44
C ILE A 91 -5.08 17.85 -19.40
N GLU A 92 -4.27 18.39 -20.31
CA GLU A 92 -4.69 19.28 -21.43
C GLU A 92 -4.59 20.79 -21.12
N GLY A 93 -4.34 21.17 -19.86
CA GLY A 93 -4.20 22.58 -19.49
C GLY A 93 -2.78 23.01 -19.13
N ILE A 94 -1.85 22.06 -19.10
CA ILE A 94 -0.55 22.25 -18.46
C ILE A 94 0.51 21.31 -19.08
N PRO A 95 1.82 21.62 -18.88
CA PRO A 95 2.89 20.83 -19.54
C PRO A 95 3.13 19.43 -18.93
N LYS A 96 3.06 19.33 -17.60
CA LYS A 96 3.12 18.06 -16.90
C LYS A 96 1.73 17.79 -16.31
N PRO A 97 1.12 16.61 -16.60
CA PRO A 97 -0.19 16.31 -15.98
C PRO A 97 -0.07 15.96 -14.50
N MET A 98 -1.21 15.83 -13.83
CA MET A 98 -1.21 15.44 -12.42
C MET A 98 -2.37 14.53 -12.02
N VAL A 99 -2.17 13.81 -10.93
CA VAL A 99 -3.10 12.79 -10.44
C VAL A 99 -3.56 13.24 -9.06
N ILE A 100 -4.87 13.27 -8.87
CA ILE A 100 -5.47 13.68 -7.61
C ILE A 100 -5.87 12.45 -6.79
N LEU A 101 -5.41 12.40 -5.54
CA LEU A 101 -5.71 11.31 -4.61
C LEU A 101 -6.24 11.86 -3.27
N PRO A 102 -6.90 11.01 -2.45
CA PRO A 102 -7.40 11.48 -1.16
C PRO A 102 -6.28 11.72 -0.18
N PHE A 103 -6.47 12.70 0.69
CA PHE A 103 -5.50 13.01 1.72
C PHE A 103 -5.58 11.94 2.80
N MET A 104 -4.42 11.45 3.24
CA MET A 104 -4.33 10.40 4.26
C MET A 104 -3.71 11.03 5.47
N LYS A 105 -4.55 11.39 6.43
CA LYS A 105 -4.16 12.31 7.50
C LYS A 105 -2.91 11.85 8.23
N TYR A 106 -2.86 10.57 8.59
CA TYR A 106 -1.77 10.03 9.41
C TYR A 106 -0.62 9.41 8.61
N GLY A 107 -0.60 9.58 7.29
CA GLY A 107 0.54 9.18 6.46
C GLY A 107 0.70 7.65 6.39
N ASP A 108 1.93 7.21 6.12
CA ASP A 108 2.20 5.79 5.98
C ASP A 108 2.20 5.06 7.34
N LEU A 109 1.69 3.84 7.33
CA LEU A 109 1.59 3.03 8.53
C LEU A 109 2.93 2.71 9.21
N HIS A 110 3.98 2.43 8.45
CA HIS A 110 5.29 2.15 9.05
C HIS A 110 5.79 3.27 9.96
N THR A 111 5.80 4.50 9.46
CA THR A 111 6.25 5.62 10.27
C THR A 111 5.33 5.83 11.48
N TYR A 112 4.02 5.66 11.28
CA TYR A 112 3.05 5.75 12.39
C TYR A 112 3.33 4.76 13.52
N LEU A 113 3.60 3.50 13.19
CA LEU A 113 3.95 2.51 14.19
C LEU A 113 5.17 2.96 15.00
N LEU A 114 6.16 3.52 14.31
CA LEU A 114 7.38 3.97 14.98
C LEU A 114 7.08 5.17 15.88
N TYR A 115 6.31 6.14 15.38
CA TYR A 115 5.93 7.30 16.18
C TYR A 115 5.13 6.93 17.43
N SER A 116 4.32 5.86 17.35
CA SER A 116 3.55 5.37 18.51
C SER A 116 4.39 4.91 19.70
N ARG A 117 5.67 4.63 19.47
CA ARG A 117 6.62 4.30 20.52
C ARG A 117 7.34 5.51 21.14
N LEU A 118 6.96 6.70 20.71
CA LEU A 118 7.48 7.97 21.19
C LEU A 118 6.32 8.77 21.78
N GLU A 119 6.63 9.55 22.80
CA GLU A 119 5.62 10.26 23.61
C GLU A 119 4.79 11.27 22.83
N THR A 120 5.39 11.93 21.86
CA THR A 120 4.77 13.08 21.20
C THR A 120 3.73 12.72 20.13
N GLY A 121 3.94 11.60 19.42
CA GLY A 121 3.06 11.22 18.30
C GLY A 121 1.76 10.56 18.77
N PRO A 122 1.25 9.58 18.01
CA PRO A 122 0.21 8.73 18.60
C PRO A 122 0.67 8.06 19.87
N LYS A 123 -0.30 7.68 20.69
CA LYS A 123 -0.03 6.96 21.92
C LYS A 123 0.21 5.50 21.60
N HIS A 124 0.56 4.74 22.63
CA HIS A 124 0.68 3.31 22.54
C HIS A 124 -0.53 2.70 21.82
N ILE A 125 -0.28 1.97 20.72
CA ILE A 125 -1.35 1.33 19.95
C ILE A 125 -1.77 0.03 20.64
N PRO A 126 -3.06 -0.12 21.01
CA PRO A 126 -3.49 -1.39 21.63
C PRO A 126 -3.52 -2.57 20.65
N LEU A 127 -3.34 -3.77 21.17
CA LEU A 127 -3.41 -5.01 20.40
C LEU A 127 -4.58 -5.10 19.41
N GLN A 128 -5.77 -4.68 19.83
CA GLN A 128 -6.98 -4.76 18.98
C GLN A 128 -6.88 -3.84 17.77
N THR A 129 -6.29 -2.67 17.95
CA THR A 129 -6.08 -1.71 16.86
C THR A 129 -5.06 -2.23 15.86
N LEU A 130 -3.99 -2.83 16.37
CA LEU A 130 -3.02 -3.50 15.54
C LEU A 130 -3.66 -4.59 14.67
N LEU A 131 -4.45 -5.46 15.29
CA LEU A 131 -5.17 -6.51 14.56
C LEU A 131 -6.13 -5.91 13.54
N LYS A 132 -6.78 -4.82 13.89
CA LYS A 132 -7.71 -4.17 12.97
C LYS A 132 -7.00 -3.62 11.72
N PHE A 133 -5.77 -3.13 11.88
CA PHE A 133 -4.92 -2.73 10.74
C PHE A 133 -4.65 -3.90 9.78
N MET A 134 -4.34 -5.06 10.35
CA MET A 134 -4.11 -6.27 9.58
C MET A 134 -5.37 -6.67 8.83
N VAL A 135 -6.51 -6.67 9.53
CA VAL A 135 -7.83 -6.94 8.90
C VAL A 135 -8.10 -6.03 7.68
N ASP A 136 -7.89 -4.72 7.86
CA ASP A 136 -8.12 -3.71 6.79
C ASP A 136 -7.31 -3.98 5.53
N ILE A 137 -6.04 -4.31 5.76
CA ILE A 137 -5.14 -4.62 4.68
C ILE A 137 -5.62 -5.90 3.98
N ALA A 138 -5.98 -6.92 4.74
CA ALA A 138 -6.49 -8.16 4.16
C ALA A 138 -7.75 -7.93 3.36
N LEU A 139 -8.65 -7.08 3.86
CA LEU A 139 -9.86 -6.69 3.12
C LEU A 139 -9.52 -6.04 1.79
N GLY A 140 -8.57 -5.10 1.83
CA GLY A 140 -8.11 -4.46 0.58
C GLY A 140 -7.48 -5.41 -0.42
N MET A 141 -6.60 -6.27 0.08
CA MET A 141 -5.95 -7.29 -0.75
C MET A 141 -6.92 -8.35 -1.29
N GLU A 142 -7.88 -8.77 -0.48
CA GLU A 142 -8.97 -9.64 -0.96
C GLU A 142 -9.66 -9.05 -2.20
N TYR A 143 -10.03 -7.78 -2.12
CA TYR A 143 -10.63 -7.06 -3.24
C TYR A 143 -9.70 -7.00 -4.45
N LEU A 144 -8.44 -6.68 -4.25
CA LEU A 144 -7.51 -6.54 -5.36
C LEU A 144 -7.22 -7.88 -6.03
N SER A 145 -6.96 -8.91 -5.23
CA SER A 145 -6.60 -10.23 -5.77
C SER A 145 -7.78 -10.86 -6.48
N ASN A 146 -8.98 -10.59 -5.98
CA ASN A 146 -10.20 -10.94 -6.70
C ASN A 146 -10.34 -10.28 -8.09
N ARG A 147 -9.80 -9.07 -8.25
N ARG A 147 -9.81 -9.07 -8.28
CA ARG A 147 -9.68 -8.37 -9.55
CA ARG A 147 -9.74 -8.45 -9.62
C ARG A 147 -8.45 -8.76 -10.37
C ARG A 147 -8.43 -8.73 -10.35
N ASN A 148 -7.67 -9.73 -9.91
CA ASN A 148 -6.37 -10.08 -10.51
C ASN A 148 -5.35 -8.99 -10.59
N PHE A 149 -5.34 -8.10 -9.60
CA PHE A 149 -4.29 -7.10 -9.47
C PHE A 149 -3.21 -7.68 -8.57
N LEU A 150 -1.94 -7.57 -8.99
CA LEU A 150 -0.79 -7.96 -8.17
C LEU A 150 -0.15 -6.73 -7.61
N HIS A 151 0.02 -6.68 -6.30
CA HIS A 151 0.67 -5.54 -5.67
C HIS A 151 2.18 -5.50 -5.97
N ARG A 152 2.91 -6.54 -5.53
CA ARG A 152 4.37 -6.72 -5.73
C ARG A 152 5.29 -5.97 -4.76
N ASP A 153 4.79 -4.91 -4.12
CA ASP A 153 5.54 -4.22 -3.06
C ASP A 153 4.69 -3.99 -1.80
N LEU A 154 3.89 -4.99 -1.39
CA LEU A 154 3.08 -4.87 -0.18
C LEU A 154 3.98 -4.84 1.06
N ALA A 155 3.79 -3.82 1.89
CA ALA A 155 4.61 -3.54 3.07
C ALA A 155 3.93 -2.43 3.88
N ALA A 156 4.27 -2.30 5.16
CA ALA A 156 3.67 -1.24 6.02
C ALA A 156 3.88 0.19 5.50
N ARG A 157 5.05 0.41 4.89
CA ARG A 157 5.40 1.69 4.29
C ARG A 157 4.50 2.09 3.11
N ASN A 158 3.81 1.14 2.49
CA ASN A 158 2.92 1.39 1.37
C ASN A 158 1.45 1.42 1.76
N CYS A 159 1.18 1.24 3.04
CA CYS A 159 -0.16 1.31 3.57
C CYS A 159 -0.31 2.66 4.24
N MET A 160 -1.50 3.23 4.08
CA MET A 160 -1.74 4.59 4.49
C MET A 160 -2.90 4.64 5.45
N LEU A 161 -2.80 5.54 6.43
CA LEU A 161 -3.78 5.70 7.49
C LEU A 161 -4.67 6.93 7.27
N ARG A 162 -5.97 6.70 7.15
CA ARG A 162 -6.98 7.77 7.10
C ARG A 162 -7.21 8.41 8.48
N ASP A 163 -7.90 9.55 8.46
CA ASP A 163 -8.30 10.30 9.69
C ASP A 163 -9.02 9.42 10.72
N ASP A 164 -9.90 8.54 10.26
CA ASP A 164 -10.57 7.61 11.17
C ASP A 164 -9.79 6.31 11.47
N MET A 165 -8.49 6.28 11.14
CA MET A 165 -7.62 5.13 11.38
C MET A 165 -7.92 3.86 10.55
N THR A 166 -8.60 4.02 9.42
CA THR A 166 -8.74 2.98 8.42
C THR A 166 -7.42 2.91 7.62
N VAL A 167 -6.97 1.72 7.31
CA VAL A 167 -5.79 1.52 6.49
C VAL A 167 -6.23 1.35 5.03
N CYS A 168 -5.51 2.01 4.14
CA CYS A 168 -5.70 1.92 2.70
C CYS A 168 -4.43 1.35 2.15
N VAL A 169 -4.58 0.36 1.29
CA VAL A 169 -3.45 -0.19 0.55
C VAL A 169 -3.16 0.73 -0.64
N ALA A 170 -1.87 0.94 -0.89
CA ALA A 170 -1.39 1.81 -1.95
C ALA A 170 0.03 1.41 -2.31
N ASP A 171 0.63 2.18 -3.20
CA ASP A 171 2.04 2.04 -3.56
C ASP A 171 2.65 3.41 -3.81
N PHE A 172 3.67 3.75 -3.03
CA PHE A 172 4.38 5.04 -3.16
C PHE A 172 5.25 5.15 -4.41
N GLY A 173 5.80 4.02 -4.88
CA GLY A 173 6.53 3.95 -6.15
C GLY A 173 7.97 4.43 -6.03
N MET A 192 16.51 -2.70 1.10
CA MET A 192 15.47 -3.14 2.05
C MET A 192 14.48 -4.16 1.45
N PRO A 193 13.78 -3.81 0.31
CA PRO A 193 12.63 -4.57 -0.28
C PRO A 193 12.79 -6.07 -0.56
N VAL A 194 14.03 -6.56 -0.65
CA VAL A 194 14.29 -8.01 -0.71
C VAL A 194 13.58 -8.75 0.44
N LYS A 195 13.50 -8.10 1.60
CA LYS A 195 12.93 -8.71 2.78
C LYS A 195 11.41 -8.88 2.76
N TRP A 196 10.70 -8.40 1.74
CA TRP A 196 9.26 -8.61 1.60
C TRP A 196 8.91 -9.54 0.46
N ILE A 197 9.93 -10.01 -0.27
CA ILE A 197 9.70 -10.76 -1.49
C ILE A 197 9.61 -12.26 -1.22
N ALA A 198 8.54 -12.90 -1.71
CA ALA A 198 8.36 -14.33 -1.57
C ALA A 198 9.52 -15.13 -2.14
N ILE A 199 9.83 -16.27 -1.51
CA ILE A 199 10.90 -17.18 -1.97
C ILE A 199 10.86 -17.57 -3.46
N GLU A 200 9.70 -17.95 -3.98
CA GLU A 200 9.57 -18.26 -5.40
C GLU A 200 9.84 -17.04 -6.30
N SER A 201 9.55 -15.83 -5.81
CA SER A 201 9.82 -14.59 -6.56
C SER A 201 11.28 -14.16 -6.51
N LEU A 202 11.98 -14.44 -5.41
CA LEU A 202 13.46 -14.28 -5.39
C LEU A 202 14.11 -15.29 -6.33
N ALA A 203 13.66 -16.54 -6.26
CA ALA A 203 14.28 -17.66 -6.99
C ALA A 203 14.05 -17.57 -8.52
N ASP A 204 12.84 -17.24 -8.96
CA ASP A 204 12.54 -17.00 -10.39
C ASP A 204 11.94 -15.61 -10.53
N ARG A 205 11.45 -15.25 -11.70
CA ARG A 205 10.74 -13.97 -11.84
C ARG A 205 9.25 -14.04 -11.40
N VAL A 206 8.84 -15.16 -10.81
CA VAL A 206 7.41 -15.51 -10.62
C VAL A 206 6.70 -14.69 -9.52
N TYR A 207 5.63 -14.00 -9.92
CA TYR A 207 4.72 -13.32 -8.99
C TYR A 207 3.28 -13.77 -9.22
N THR A 208 2.61 -14.20 -8.15
CA THR A 208 1.16 -14.44 -8.16
C THR A 208 0.57 -13.77 -6.93
N SER A 209 -0.75 -13.86 -6.80
CA SER A 209 -1.43 -13.45 -5.56
C SER A 209 -0.85 -14.10 -4.29
N LYS A 210 -0.29 -15.31 -4.43
CA LYS A 210 0.36 -15.99 -3.30
C LYS A 210 1.68 -15.35 -2.88
N SER A 211 2.31 -14.63 -3.80
CA SER A 211 3.49 -13.84 -3.46
C SER A 211 3.10 -12.61 -2.63
N ASP A 212 1.92 -12.03 -2.92
CA ASP A 212 1.38 -10.96 -2.10
C ASP A 212 1.03 -11.47 -0.72
N VAL A 213 0.53 -12.70 -0.64
CA VAL A 213 0.25 -13.34 0.64
C VAL A 213 1.49 -13.37 1.53
N TRP A 214 2.63 -13.73 0.94
CA TRP A 214 3.87 -13.77 1.65
C TRP A 214 4.22 -12.39 2.16
N ALA A 215 4.17 -11.39 1.28
CA ALA A 215 4.48 -10.01 1.67
C ALA A 215 3.49 -9.51 2.74
N PHE A 216 2.24 -9.96 2.67
CA PHE A 216 1.24 -9.68 3.69
C PHE A 216 1.63 -10.24 5.06
N GLY A 217 2.16 -11.45 5.09
CA GLY A 217 2.64 -12.01 6.34
C GLY A 217 3.74 -11.18 6.98
N VAL A 218 4.67 -10.71 6.16
CA VAL A 218 5.80 -9.85 6.62
C VAL A 218 5.22 -8.52 7.14
N THR A 219 4.26 -7.95 6.42
CA THR A 219 3.58 -6.73 6.87
C THR A 219 2.86 -6.92 8.23
N MET A 220 2.18 -8.05 8.41
CA MET A 220 1.59 -8.41 9.72
C MET A 220 2.64 -8.40 10.85
N TRP A 221 3.81 -8.97 10.55
CA TRP A 221 4.94 -9.03 11.49
C TRP A 221 5.50 -7.62 11.79
N GLU A 222 5.62 -6.80 10.78
CA GLU A 222 5.95 -5.37 10.96
C GLU A 222 4.99 -4.71 11.93
N ILE A 223 3.70 -4.95 11.71
CA ILE A 223 2.65 -4.36 12.54
C ILE A 223 2.74 -4.87 13.99
N ALA A 224 2.92 -6.18 14.14
CA ALA A 224 3.00 -6.80 15.48
C ALA A 224 4.23 -6.38 16.25
N THR A 225 5.34 -6.09 15.54
CA THR A 225 6.56 -5.57 16.19
C THR A 225 6.56 -4.06 16.34
N ARG A 226 5.49 -3.39 15.91
CA ARG A 226 5.44 -1.94 15.96
C ARG A 226 6.61 -1.29 15.21
N GLY A 227 6.93 -1.87 14.04
CA GLY A 227 7.78 -1.26 13.04
C GLY A 227 9.22 -1.73 12.95
N MET A 228 9.56 -2.88 13.54
CA MET A 228 10.86 -3.48 13.32
C MET A 228 11.09 -3.82 11.85
N THR A 229 12.35 -3.68 11.45
CA THR A 229 12.82 -4.13 10.16
C THR A 229 12.85 -5.68 10.21
N PRO A 230 12.25 -6.36 9.19
CA PRO A 230 12.20 -7.82 9.17
C PRO A 230 13.60 -8.43 9.28
N TYR A 231 13.68 -9.53 10.03
CA TYR A 231 14.88 -10.38 10.09
C TYR A 231 16.09 -9.64 10.67
N PRO A 232 15.98 -9.16 11.92
CA PRO A 232 17.15 -8.54 12.55
C PRO A 232 18.34 -9.50 12.54
N GLY A 233 19.54 -8.99 12.34
CA GLY A 233 20.69 -9.88 12.25
C GLY A 233 20.80 -10.73 10.99
N VAL A 234 19.93 -10.54 10.00
CA VAL A 234 20.13 -11.09 8.66
C VAL A 234 20.21 -9.91 7.69
N GLN A 235 21.29 -9.86 6.91
CA GLN A 235 21.50 -8.80 5.95
C GLN A 235 20.82 -9.15 4.65
N ASN A 236 20.59 -8.13 3.83
CA ASN A 236 19.81 -8.27 2.61
C ASN A 236 20.37 -9.30 1.67
N HIS A 237 21.70 -9.31 1.49
CA HIS A 237 22.35 -10.26 0.58
C HIS A 237 22.38 -11.72 1.10
N GLU A 238 22.07 -11.91 2.39
CA GLU A 238 21.95 -13.22 3.00
C GLU A 238 20.55 -13.80 2.93
N MET A 239 19.57 -13.00 2.49
CA MET A 239 18.17 -13.38 2.62
C MET A 239 17.73 -14.59 1.84
N TYR A 240 18.14 -14.67 0.59
CA TYR A 240 17.78 -15.77 -0.31
C TYR A 240 18.23 -17.13 0.25
N ASP A 241 19.49 -17.20 0.64
CA ASP A 241 20.03 -18.41 1.29
C ASP A 241 19.30 -18.76 2.57
N TYR A 242 19.02 -17.74 3.39
CA TYR A 242 18.32 -17.91 4.66
C TYR A 242 16.93 -18.52 4.46
N LEU A 243 16.20 -18.01 3.48
CA LEU A 243 14.88 -18.56 3.15
C LEU A 243 14.98 -19.95 2.47
N LEU A 244 15.97 -20.16 1.60
CA LEU A 244 16.20 -21.51 1.02
C LEU A 244 16.48 -22.61 2.05
N HIS A 245 17.11 -22.24 3.18
CA HIS A 245 17.29 -23.15 4.31
C HIS A 245 16.06 -23.29 5.19
N GLY A 246 14.93 -22.73 4.76
CA GLY A 246 13.64 -22.91 5.44
C GLY A 246 13.42 -22.00 6.62
N HIS A 247 14.33 -21.05 6.86
CA HIS A 247 14.18 -20.14 8.00
C HIS A 247 13.22 -19.01 7.67
N ARG A 248 12.48 -18.58 8.70
CA ARG A 248 11.41 -17.60 8.57
C ARG A 248 11.45 -16.60 9.73
N LEU A 249 10.66 -15.54 9.62
CA LEU A 249 10.59 -14.54 10.68
C LEU A 249 10.18 -15.21 11.98
N LYS A 250 10.81 -14.79 13.08
CA LYS A 250 10.52 -15.35 14.40
C LYS A 250 9.30 -14.66 15.03
N GLN A 251 8.75 -15.32 16.03
CA GLN A 251 7.57 -14.84 16.73
C GLN A 251 7.95 -13.64 17.61
N PRO A 252 7.25 -12.50 17.45
CA PRO A 252 7.45 -11.38 18.36
C PRO A 252 7.01 -11.73 19.77
N GLU A 253 7.70 -11.11 20.74
CA GLU A 253 7.61 -11.52 22.14
C GLU A 253 6.20 -11.38 22.72
N ASP A 254 5.49 -10.35 22.27
CA ASP A 254 4.14 -10.08 22.73
C ASP A 254 3.05 -10.64 21.78
N CYS A 255 3.42 -11.53 20.85
CA CYS A 255 2.51 -11.95 19.78
C CYS A 255 1.78 -13.22 20.21
N LEU A 256 0.45 -13.19 20.18
CA LEU A 256 -0.35 -14.40 20.42
C LEU A 256 0.09 -15.51 19.49
N ASP A 257 0.04 -16.75 19.98
CA ASP A 257 0.42 -17.92 19.19
C ASP A 257 -0.44 -18.09 17.96
N GLU A 258 -1.75 -17.84 18.10
CA GLU A 258 -2.68 -17.92 16.96
C GLU A 258 -2.34 -16.93 15.85
N LEU A 259 -1.99 -15.70 16.23
CA LEU A 259 -1.61 -14.68 15.26
C LEU A 259 -0.34 -15.09 14.58
N TYR A 260 0.61 -15.60 15.35
CA TYR A 260 1.83 -16.13 14.74
C TYR A 260 1.59 -17.27 13.75
N GLU A 261 0.67 -18.19 14.08
CA GLU A 261 0.29 -19.28 13.16
C GLU A 261 -0.26 -18.72 11.84
N ILE A 262 -1.03 -17.65 11.92
CA ILE A 262 -1.56 -17.03 10.72
C ILE A 262 -0.46 -16.41 9.85
N MET A 263 0.40 -15.57 10.43
CA MET A 263 1.50 -15.02 9.63
C MET A 263 2.44 -16.12 9.11
N TYR A 264 2.69 -17.14 9.91
CA TYR A 264 3.55 -18.25 9.47
C TYR A 264 3.00 -18.99 8.24
N SER A 265 1.67 -19.17 8.18
CA SER A 265 1.05 -19.83 6.99
C SER A 265 1.25 -19.05 5.69
N CYS A 266 1.49 -17.73 5.79
CA CYS A 266 1.80 -16.91 4.62
C CYS A 266 3.17 -17.19 3.98
N TRP A 267 4.09 -17.83 4.72
CA TRP A 267 5.44 -18.09 4.22
C TRP A 267 5.72 -19.58 3.94
N ARG A 268 4.66 -20.37 3.70
CA ARG A 268 4.86 -21.78 3.35
C ARG A 268 5.58 -21.80 2.03
N THR A 269 6.54 -22.72 1.92
CA THR A 269 7.42 -22.77 0.76
C THR A 269 6.64 -22.95 -0.53
N ASP A 270 5.64 -23.82 -0.52
CA ASP A 270 4.77 -23.96 -1.68
C ASP A 270 3.66 -22.90 -1.67
N PRO A 271 3.66 -21.97 -2.64
CA PRO A 271 2.58 -20.96 -2.77
C PRO A 271 1.18 -21.55 -2.72
N LEU A 272 1.01 -22.73 -3.32
CA LEU A 272 -0.29 -23.41 -3.30
C LEU A 272 -0.79 -23.75 -1.90
N ASP A 273 0.11 -23.93 -0.92
CA ASP A 273 -0.29 -24.16 0.48
C ASP A 273 -0.59 -22.91 1.31
N ARG A 274 -0.22 -21.72 0.81
CA ARG A 274 -0.53 -20.48 1.55
C ARG A 274 -2.04 -20.23 1.49
N PRO A 275 -2.62 -19.62 2.53
CA PRO A 275 -4.03 -19.26 2.42
C PRO A 275 -4.32 -18.12 1.45
N THR A 276 -5.55 -18.04 0.97
CA THR A 276 -6.00 -16.91 0.17
C THR A 276 -6.22 -15.70 1.10
N PHE A 277 -6.38 -14.53 0.50
CA PHE A 277 -6.71 -13.35 1.32
C PHE A 277 -8.05 -13.46 2.02
N SER A 278 -9.02 -14.14 1.42
CA SER A 278 -10.31 -14.40 2.07
C SER A 278 -10.15 -15.17 3.37
N VAL A 279 -9.36 -16.22 3.31
CA VAL A 279 -9.12 -17.06 4.49
C VAL A 279 -8.39 -16.28 5.58
N LEU A 280 -7.31 -15.57 5.20
CA LEU A 280 -6.56 -14.73 6.17
C LEU A 280 -7.43 -13.72 6.86
N ARG A 281 -8.29 -13.09 6.09
CA ARG A 281 -9.19 -12.07 6.59
C ARG A 281 -10.20 -12.66 7.57
N LEU A 282 -10.82 -13.80 7.20
CA LEU A 282 -11.69 -14.55 8.12
C LEU A 282 -10.98 -14.93 9.38
N GLN A 283 -9.77 -15.46 9.26
CA GLN A 283 -9.03 -15.87 10.45
C GLN A 283 -8.68 -14.68 11.35
N LEU A 284 -8.41 -13.54 10.74
CA LEU A 284 -8.00 -12.36 11.48
C LEU A 284 -9.20 -11.73 12.16
N GLU A 285 -10.33 -11.64 11.47
CA GLU A 285 -11.58 -11.15 12.10
C GLU A 285 -11.99 -12.03 13.29
N LYS A 286 -11.89 -13.33 13.14
CA LYS A 286 -12.21 -14.26 14.22
C LYS A 286 -11.31 -14.04 15.45
N LEU A 287 -10.02 -13.90 15.24
CA LEU A 287 -9.11 -13.64 16.35
C LEU A 287 -9.44 -12.31 17.03
N LEU A 288 -9.67 -11.26 16.25
CA LEU A 288 -9.98 -9.96 16.79
C LEU A 288 -11.27 -10.02 17.61
N GLU A 289 -12.30 -10.62 17.05
CA GLU A 289 -13.59 -10.79 17.74
C GLU A 289 -13.54 -11.74 18.94
N SER A 290 -12.55 -12.63 18.98
CA SER A 290 -12.30 -13.48 20.13
C SER A 290 -11.76 -12.75 21.37
N LEU A 291 -11.30 -11.50 21.23
CA LEU A 291 -10.73 -10.75 22.38
C LEU A 291 -11.81 -9.95 23.13
N PRO A 292 -11.74 -9.92 24.48
CA PRO A 292 -12.65 -9.09 25.28
C PRO A 292 -12.09 -7.69 25.52
#